data_1CVR
#
_entry.id   1CVR
#
_cell.length_a   51.930
_cell.length_b   79.920
_cell.length_c   99.820
_cell.angle_alpha   90.00
_cell.angle_beta   90.00
_cell.angle_gamma   90.00
#
_symmetry.space_group_name_H-M   'P 21 21 21'
#
loop_
_entity.id
_entity.type
_entity.pdbx_description
1 polymer 'GINGIPAIN R'
2 non-polymer D-phenylalanyl-N-[(3S)-6-carbamimidamido-1-chloro-2-oxohexan-3-yl]-L-phenylalaninamide
3 non-polymer 'CALCIUM ION'
4 non-polymer 'ZINC ION'
5 water water
#
_entity_poly.entity_id   1
_entity_poly.type   'polypeptide(L)'
_entity_poly.pdbx_seq_one_letter_code
;YTPVEEKENGRMIVIVAKKYEGDIKDFVDWKNQRGLRTEVKVAEDIASPVTANAIQQFVKQEYEKEGNDLTYVLLVGDHK
DIPAKITPGIKSDQVYGQIVGNDHYNEVFIGRFSCESKEDLKTQIDRTIHYERNITTEDKWLGQALCIASAEGGPSADNG
ESDIQHENVIANLLTQYGYTKIIKCYDPGVTPKNIIDAFNGGISLVNYTGHGSETAWGTSHFGTTHVKQLTNSNQLPFIF
DVACVNGDFLFSMPCFAEALMRAQKDGKPTGTVAIIASTIDQYWAPPMRGQDEMNEILCEKHPNNIKRTFGGVTMNGMFA
MVEKYKKDGENMLDTWTVFGDPSLLVRTLVPTEMQVTAPANISASAQTFEVACDYNGAIATLSDDGDMVGTAIVKDGKAI
IKLNESIADETNLTLTVVGYNKVTVIKDVKVEGTS
;
_entity_poly.pdbx_strand_id   A
#
loop_
_chem_comp.id
_chem_comp.type
_chem_comp.name
_chem_comp.formula
CA non-polymer 'CALCIUM ION' 'Ca 2'
H37 peptide-like D-phenylalanyl-N-[(3S)-6-carbamimidamido-1-chloro-2-oxohexan-3-yl]-L-phenylalaninamide 'C25 H33 Cl N6 O3'
ZN non-polymer 'ZINC ION' 'Zn 2'
#
# COMPACT_ATOMS: atom_id res chain seq x y z
N TYR A 1 19.05 1.73 11.39
CA TYR A 1 19.02 0.83 10.20
C TYR A 1 19.08 1.70 8.95
N THR A 2 19.47 1.10 7.83
CA THR A 2 19.53 1.81 6.55
C THR A 2 18.21 1.59 5.82
N PRO A 3 17.46 2.66 5.55
CA PRO A 3 16.17 2.55 4.87
C PRO A 3 16.23 2.12 3.41
N VAL A 4 15.15 1.50 2.95
CA VAL A 4 15.06 1.12 1.56
C VAL A 4 14.24 2.24 0.91
N GLU A 5 14.81 2.87 -0.09
CA GLU A 5 14.20 4.01 -0.74
C GLU A 5 13.13 3.78 -1.80
N GLU A 6 12.22 4.74 -1.88
CA GLU A 6 11.17 4.75 -2.88
C GLU A 6 11.83 5.58 -3.99
N LYS A 7 12.65 4.92 -4.81
CA LYS A 7 13.38 5.60 -5.89
C LYS A 7 12.52 6.49 -6.76
N GLU A 8 12.90 7.76 -6.85
CA GLU A 8 12.12 8.70 -7.65
C GLU A 8 11.88 8.20 -9.07
N ASN A 9 12.85 7.53 -9.66
CA ASN A 9 12.66 6.99 -11.00
C ASN A 9 12.38 5.50 -10.97
N GLY A 10 11.91 4.99 -9.83
CA GLY A 10 11.64 3.56 -9.75
C GLY A 10 10.50 3.12 -10.64
N ARG A 11 10.44 1.82 -10.92
CA ARG A 11 9.37 1.28 -11.75
C ARG A 11 8.67 0.14 -11.02
N MET A 12 7.56 -0.31 -11.59
CA MET A 12 6.80 -1.39 -11.00
C MET A 12 6.50 -2.42 -12.05
N ILE A 13 6.47 -3.67 -11.63
CA ILE A 13 6.11 -4.75 -12.51
C ILE A 13 4.91 -5.42 -11.86
N VAL A 14 3.86 -5.60 -12.64
CA VAL A 14 2.67 -6.28 -12.16
C VAL A 14 2.78 -7.70 -12.76
N ILE A 15 2.88 -8.72 -11.91
CA ILE A 15 2.97 -10.10 -12.36
C ILE A 15 1.54 -10.59 -12.20
N VAL A 16 0.89 -10.84 -13.31
CA VAL A 16 -0.50 -11.24 -13.29
C VAL A 16 -0.75 -12.63 -13.86
N ALA A 17 -1.63 -13.39 -13.21
CA ALA A 17 -1.96 -14.71 -13.70
C ALA A 17 -2.68 -14.50 -15.03
N LYS A 18 -2.42 -15.39 -15.97
CA LYS A 18 -3.00 -15.28 -17.29
C LYS A 18 -4.49 -15.03 -17.35
N LYS A 19 -5.27 -15.70 -16.50
CA LYS A 19 -6.71 -15.48 -16.53
C LYS A 19 -7.19 -14.08 -16.16
N TYR A 20 -6.27 -13.24 -15.66
CA TYR A 20 -6.62 -11.87 -15.31
C TYR A 20 -5.87 -10.86 -16.21
N GLU A 21 -5.11 -11.38 -17.16
CA GLU A 21 -4.35 -10.52 -18.06
C GLU A 21 -5.15 -9.39 -18.69
N GLY A 22 -6.34 -9.70 -19.18
CA GLY A 22 -7.14 -8.67 -19.83
C GLY A 22 -7.93 -7.76 -18.91
N ASP A 23 -7.78 -7.93 -17.61
CA ASP A 23 -8.56 -7.13 -16.67
C ASP A 23 -7.78 -6.08 -15.88
N ILE A 24 -6.47 -6.02 -16.07
CA ILE A 24 -5.63 -5.09 -15.31
C ILE A 24 -5.26 -3.77 -16.00
N LYS A 25 -5.66 -3.62 -17.26
CA LYS A 25 -5.34 -2.43 -18.03
C LYS A 25 -5.59 -1.10 -17.33
N ASP A 26 -6.79 -0.88 -16.81
CA ASP A 26 -7.07 0.40 -16.15
C ASP A 26 -6.09 0.71 -15.04
N PHE A 27 -5.65 -0.31 -14.30
CA PHE A 27 -4.72 -0.11 -13.20
C PHE A 27 -3.37 0.35 -13.73
N VAL A 28 -2.86 -0.40 -14.70
CA VAL A 28 -1.57 -0.11 -15.31
C VAL A 28 -1.58 1.30 -15.94
N ASP A 29 -2.69 1.66 -16.59
CA ASP A 29 -2.77 2.98 -17.21
C ASP A 29 -2.71 4.09 -16.17
N TRP A 30 -3.45 3.94 -15.07
CA TRP A 30 -3.43 4.96 -14.03
C TRP A 30 -2.05 5.13 -13.40
N LYS A 31 -1.36 4.04 -13.13
CA LYS A 31 -0.02 4.16 -12.54
C LYS A 31 0.90 4.92 -13.48
N ASN A 32 0.88 4.58 -14.76
CA ASN A 32 1.71 5.31 -15.70
C ASN A 32 1.25 6.77 -15.79
N GLN A 33 -0.06 6.98 -15.74
CA GLN A 33 -0.61 8.32 -15.80
C GLN A 33 -0.11 9.22 -14.67
N ARG A 34 0.07 8.67 -13.47
CA ARG A 34 0.53 9.51 -12.37
C ARG A 34 2.04 9.49 -12.18
N GLY A 35 2.76 8.93 -13.14
CA GLY A 35 4.20 8.96 -13.04
C GLY A 35 4.97 7.77 -12.51
N LEU A 36 4.33 6.61 -12.38
CA LEU A 36 5.04 5.42 -11.92
C LEU A 36 5.11 4.45 -13.10
N ARG A 37 6.28 4.39 -13.73
CA ARG A 37 6.48 3.50 -14.87
C ARG A 37 6.09 2.10 -14.45
N THR A 38 5.11 1.55 -15.13
CA THR A 38 4.59 0.23 -14.81
C THR A 38 4.48 -0.68 -16.03
N GLU A 39 4.98 -1.89 -15.87
CA GLU A 39 4.98 -2.90 -16.93
C GLU A 39 4.24 -4.13 -16.42
N VAL A 40 3.78 -4.95 -17.35
CA VAL A 40 3.06 -6.17 -17.00
C VAL A 40 3.80 -7.42 -17.44
N LYS A 41 3.80 -8.45 -16.59
CA LYS A 41 4.39 -9.73 -16.96
C LYS A 41 3.38 -10.82 -16.61
N VAL A 42 3.02 -11.64 -17.59
CA VAL A 42 2.08 -12.72 -17.36
C VAL A 42 2.86 -13.84 -16.68
N ALA A 43 2.39 -14.27 -15.52
CA ALA A 43 3.05 -15.30 -14.72
C ALA A 43 3.38 -16.58 -15.50
N GLU A 44 2.41 -17.09 -16.26
CA GLU A 44 2.64 -18.30 -17.04
C GLU A 44 3.70 -18.09 -18.12
N ASP A 45 4.01 -16.84 -18.43
CA ASP A 45 5.05 -16.58 -19.42
C ASP A 45 6.42 -16.72 -18.76
N ILE A 46 6.46 -16.68 -17.44
CA ILE A 46 7.72 -16.84 -16.71
C ILE A 46 8.01 -18.32 -16.64
N ALA A 47 6.98 -19.10 -16.34
CA ALA A 47 7.10 -20.55 -16.28
C ALA A 47 5.73 -21.15 -16.07
N SER A 48 5.53 -22.34 -16.65
CA SER A 48 4.26 -23.02 -16.51
C SER A 48 4.54 -24.49 -16.24
N PRO A 49 4.06 -25.03 -15.11
CA PRO A 49 3.27 -24.33 -14.09
C PRO A 49 4.12 -23.25 -13.41
N VAL A 50 3.44 -22.25 -12.85
CA VAL A 50 4.14 -21.16 -12.18
C VAL A 50 4.65 -21.67 -10.84
N THR A 51 5.92 -21.43 -10.55
CA THR A 51 6.46 -21.88 -9.27
C THR A 51 7.09 -20.70 -8.55
N ALA A 52 7.25 -20.85 -7.24
CA ALA A 52 7.85 -19.82 -6.41
C ALA A 52 9.29 -19.56 -6.85
N ASN A 53 10.01 -20.61 -7.22
CA ASN A 53 11.40 -20.44 -7.66
C ASN A 53 11.50 -19.59 -8.92
N ALA A 54 10.55 -19.78 -9.84
CA ALA A 54 10.55 -19.01 -11.09
C ALA A 54 10.27 -17.53 -10.82
N ILE A 55 9.29 -17.25 -9.96
CA ILE A 55 8.96 -15.85 -9.65
C ILE A 55 10.19 -15.18 -9.05
N GLN A 56 10.76 -15.82 -8.04
CA GLN A 56 11.94 -15.32 -7.34
C GLN A 56 13.05 -14.98 -8.34
N GLN A 57 13.32 -15.93 -9.24
CA GLN A 57 14.36 -15.77 -10.26
C GLN A 57 14.03 -14.60 -11.17
N PHE A 58 12.77 -14.52 -11.61
CA PHE A 58 12.33 -13.43 -12.49
C PHE A 58 12.54 -12.04 -11.86
N VAL A 59 12.17 -11.90 -10.59
CA VAL A 59 12.33 -10.62 -9.91
C VAL A 59 13.83 -10.27 -9.79
N LYS A 60 14.64 -11.23 -9.38
CA LYS A 60 16.07 -10.98 -9.25
C LYS A 60 16.61 -10.49 -10.60
N GLN A 61 16.30 -11.23 -11.66
CA GLN A 61 16.72 -10.90 -13.00
C GLN A 61 16.35 -9.47 -13.40
N GLU A 62 15.10 -9.09 -13.17
CA GLU A 62 14.63 -7.74 -13.50
C GLU A 62 15.31 -6.67 -12.64
N TYR A 63 15.59 -7.01 -11.38
CA TYR A 63 16.24 -6.07 -10.48
C TYR A 63 17.67 -5.79 -10.92
N GLU A 64 18.34 -6.83 -11.41
CA GLU A 64 19.74 -6.69 -11.81
C GLU A 64 19.94 -5.85 -13.08
N LYS A 65 18.91 -5.70 -13.88
CA LYS A 65 19.04 -4.92 -15.10
C LYS A 65 19.71 -3.58 -14.81
N GLU A 66 20.45 -3.09 -15.79
CA GLU A 66 21.17 -1.82 -15.73
C GLU A 66 20.35 -0.72 -15.02
N GLY A 67 20.84 -0.28 -13.87
CA GLY A 67 20.15 0.76 -13.10
C GLY A 67 19.56 0.31 -11.78
N ASN A 68 19.08 -0.93 -11.74
CA ASN A 68 18.43 -1.48 -10.54
C ASN A 68 17.30 -0.56 -10.11
N ASP A 69 16.51 -0.10 -11.08
CA ASP A 69 15.41 0.82 -10.76
C ASP A 69 14.10 0.10 -10.37
N LEU A 70 14.11 -1.24 -10.41
CA LEU A 70 12.92 -1.98 -10.04
C LEU A 70 12.65 -1.68 -8.58
N THR A 71 11.46 -1.18 -8.26
CA THR A 71 11.13 -0.80 -6.89
C THR A 71 9.87 -1.48 -6.32
N TYR A 72 8.89 -1.76 -7.16
CA TYR A 72 7.68 -2.40 -6.66
C TYR A 72 7.28 -3.58 -7.51
N VAL A 73 6.68 -4.58 -6.88
CA VAL A 73 6.18 -5.74 -7.61
C VAL A 73 4.82 -6.09 -7.04
N LEU A 74 3.82 -6.14 -7.91
CA LEU A 74 2.47 -6.48 -7.49
C LEU A 74 2.09 -7.83 -8.06
N LEU A 75 1.67 -8.74 -7.19
CA LEU A 75 1.25 -10.07 -7.60
C LEU A 75 -0.27 -10.05 -7.70
N VAL A 76 -0.81 -10.52 -8.83
CA VAL A 76 -2.24 -10.53 -9.03
C VAL A 76 -2.77 -11.98 -9.17
N GLY A 77 -3.35 -12.49 -8.08
CA GLY A 77 -3.90 -13.84 -8.05
C GLY A 77 -3.84 -14.36 -6.62
N ASP A 78 -4.58 -15.43 -6.31
CA ASP A 78 -4.51 -16.02 -4.95
C ASP A 78 -3.34 -17.03 -5.01
N HIS A 79 -3.07 -17.78 -3.94
CA HIS A 79 -1.94 -18.73 -3.90
C HIS A 79 -1.93 -19.76 -5.01
N LYS A 80 -3.10 -20.19 -5.45
CA LYS A 80 -3.17 -21.17 -6.51
C LYS A 80 -2.75 -20.58 -7.86
N ASP A 81 -2.93 -19.26 -8.04
CA ASP A 81 -2.56 -18.57 -9.28
C ASP A 81 -1.08 -18.21 -9.33
N ILE A 82 -0.61 -17.58 -8.26
CA ILE A 82 0.79 -17.20 -8.15
C ILE A 82 1.15 -17.63 -6.74
N PRO A 83 1.94 -18.70 -6.62
CA PRO A 83 2.31 -19.20 -5.29
C PRO A 83 3.20 -18.28 -4.46
N ALA A 84 3.15 -18.51 -3.16
CA ALA A 84 3.98 -17.83 -2.18
C ALA A 84 5.16 -18.77 -2.05
N LYS A 85 6.26 -18.27 -1.49
CA LYS A 85 7.46 -19.08 -1.28
C LYS A 85 7.17 -19.84 0.01
N ILE A 86 7.26 -21.17 -0.04
CA ILE A 86 7.01 -21.99 1.14
C ILE A 86 8.20 -22.83 1.55
N THR A 87 8.63 -22.62 2.80
CA THR A 87 9.73 -23.37 3.41
C THR A 87 9.18 -23.76 4.78
N PRO A 88 9.82 -24.70 5.48
CA PRO A 88 9.31 -25.10 6.80
C PRO A 88 9.03 -23.93 7.74
N GLY A 89 7.78 -23.81 8.16
CA GLY A 89 7.42 -22.72 9.06
C GLY A 89 7.28 -21.32 8.46
N ILE A 90 7.49 -21.18 7.15
CA ILE A 90 7.40 -19.87 6.51
C ILE A 90 6.54 -19.91 5.23
N LYS A 91 5.65 -18.93 5.11
CA LYS A 91 4.82 -18.75 3.92
C LYS A 91 5.11 -17.29 3.61
N SER A 92 5.68 -17.02 2.43
CA SER A 92 6.09 -15.66 2.14
C SER A 92 6.06 -15.11 0.72
N ASP A 93 5.63 -13.86 0.61
CA ASP A 93 5.66 -13.09 -0.64
C ASP A 93 6.84 -12.12 -0.48
N GLN A 94 7.02 -11.60 0.74
CA GLN A 94 8.10 -10.61 1.01
C GLN A 94 9.47 -11.08 0.55
N VAL A 95 9.74 -12.38 0.63
CA VAL A 95 11.04 -12.92 0.24
C VAL A 95 11.38 -12.64 -1.21
N TYR A 96 10.37 -12.47 -2.07
CA TYR A 96 10.66 -12.18 -3.47
C TYR A 96 11.45 -10.88 -3.66
N GLY A 97 11.37 -9.98 -2.67
CA GLY A 97 12.08 -8.71 -2.77
C GLY A 97 13.41 -8.66 -2.02
N GLN A 98 13.85 -9.81 -1.50
CA GLN A 98 15.13 -9.91 -0.77
C GLN A 98 16.11 -10.48 -1.79
N ILE A 99 16.90 -9.58 -2.36
CA ILE A 99 17.81 -9.92 -3.44
C ILE A 99 19.31 -9.77 -3.19
N VAL A 100 19.68 -8.72 -2.47
CA VAL A 100 21.09 -8.42 -2.21
C VAL A 100 21.49 -8.32 -0.75
N GLY A 101 22.74 -8.70 -0.45
CA GLY A 101 23.26 -8.58 0.89
C GLY A 101 23.11 -9.76 1.84
N ASN A 102 22.63 -10.90 1.35
CA ASN A 102 22.45 -12.07 2.18
C ASN A 102 21.79 -11.71 3.50
N ASP A 103 20.63 -11.05 3.42
CA ASP A 103 19.92 -10.64 4.59
C ASP A 103 18.42 -10.58 4.30
N HIS A 104 17.64 -10.17 5.28
CA HIS A 104 16.20 -10.10 5.10
C HIS A 104 15.70 -8.69 4.89
N TYR A 105 16.60 -7.75 4.59
CA TYR A 105 16.20 -6.38 4.33
C TYR A 105 15.85 -6.30 2.86
N ASN A 106 14.57 -6.16 2.54
CA ASN A 106 14.14 -6.07 1.15
C ASN A 106 14.78 -4.94 0.34
N GLU A 107 14.94 -5.21 -0.95
CA GLU A 107 15.45 -4.24 -1.91
C GLU A 107 14.22 -3.75 -2.67
N VAL A 108 13.21 -4.61 -2.73
CA VAL A 108 11.97 -4.35 -3.50
C VAL A 108 10.71 -4.54 -2.66
N PHE A 109 9.75 -3.63 -2.80
CA PHE A 109 8.49 -3.72 -2.05
C PHE A 109 7.57 -4.70 -2.78
N ILE A 110 6.95 -5.60 -2.03
CA ILE A 110 6.06 -6.61 -2.61
C ILE A 110 4.66 -6.45 -2.04
N GLY A 111 3.65 -6.67 -2.90
CA GLY A 111 2.27 -6.56 -2.47
C GLY A 111 1.46 -7.54 -3.30
N ARG A 112 0.24 -7.83 -2.90
CA ARG A 112 -0.61 -8.77 -3.65
C ARG A 112 -2.09 -8.42 -3.67
N PHE A 113 -2.69 -8.59 -4.85
CA PHE A 113 -4.14 -8.42 -4.99
C PHE A 113 -4.60 -9.87 -5.04
N SER A 114 -5.02 -10.43 -3.90
CA SER A 114 -5.48 -11.81 -3.86
C SER A 114 -6.91 -11.88 -4.40
N CYS A 115 -7.09 -12.62 -5.49
CA CYS A 115 -8.39 -12.74 -6.16
C CYS A 115 -8.71 -14.18 -6.55
N GLU A 116 -9.98 -14.55 -6.47
CA GLU A 116 -10.39 -15.87 -6.90
C GLU A 116 -11.48 -15.70 -7.98
N SER A 117 -11.82 -14.44 -8.28
CA SER A 117 -12.83 -14.13 -9.30
C SER A 117 -12.52 -12.77 -9.91
N LYS A 118 -13.14 -12.47 -11.05
CA LYS A 118 -12.89 -11.19 -11.73
C LYS A 118 -13.32 -10.01 -10.91
N GLU A 119 -14.41 -10.14 -10.19
CA GLU A 119 -14.87 -9.01 -9.39
C GLU A 119 -13.96 -8.75 -8.20
N ASP A 120 -13.28 -9.78 -7.69
CA ASP A 120 -12.36 -9.59 -6.56
C ASP A 120 -11.24 -8.66 -7.05
N LEU A 121 -10.82 -8.86 -8.29
CA LEU A 121 -9.75 -8.05 -8.85
C LEU A 121 -10.25 -6.66 -9.19
N LYS A 122 -11.39 -6.59 -9.87
CA LYS A 122 -11.95 -5.31 -10.23
C LYS A 122 -12.13 -4.38 -9.02
N THR A 123 -12.60 -4.92 -7.89
CA THR A 123 -12.83 -4.07 -6.73
C THR A 123 -11.53 -3.58 -6.08
N GLN A 124 -10.45 -4.35 -6.20
CA GLN A 124 -9.17 -3.93 -5.62
C GLN A 124 -8.52 -2.87 -6.52
N ILE A 125 -8.73 -3.00 -7.82
CA ILE A 125 -8.24 -2.00 -8.74
C ILE A 125 -9.03 -0.71 -8.51
N ASP A 126 -10.35 -0.79 -8.59
CA ASP A 126 -11.14 0.42 -8.42
C ASP A 126 -10.91 1.18 -7.12
N ARG A 127 -10.82 0.47 -6.01
CA ARG A 127 -10.63 1.17 -4.74
C ARG A 127 -9.27 1.86 -4.71
N THR A 128 -8.28 1.30 -5.39
CA THR A 128 -6.94 1.86 -5.39
C THR A 128 -6.90 3.12 -6.26
N ILE A 129 -7.48 3.05 -7.43
CA ILE A 129 -7.50 4.22 -8.32
C ILE A 129 -8.30 5.35 -7.68
N HIS A 130 -9.45 5.02 -7.11
CA HIS A 130 -10.30 6.04 -6.49
C HIS A 130 -9.52 6.76 -5.38
N TYR A 131 -8.81 5.99 -4.56
CA TYR A 131 -8.03 6.53 -3.45
C TYR A 131 -6.93 7.51 -3.87
N GLU A 132 -6.22 7.19 -4.94
CA GLU A 132 -5.15 8.08 -5.39
C GLU A 132 -5.65 9.20 -6.32
N ARG A 133 -6.69 8.91 -7.08
CA ARG A 133 -7.20 9.88 -8.05
C ARG A 133 -8.39 10.74 -7.66
N ASN A 134 -9.36 10.13 -7.00
CA ASN A 134 -10.62 10.79 -6.70
C ASN A 134 -10.98 11.33 -5.31
N ILE A 135 -10.04 11.32 -4.37
CA ILE A 135 -10.32 11.83 -3.02
C ILE A 135 -10.35 13.37 -3.06
N THR A 136 -11.37 13.97 -2.45
CA THR A 136 -11.51 15.43 -2.44
C THR A 136 -11.54 16.02 -1.02
N THR A 137 -11.68 17.34 -0.93
CA THR A 137 -11.74 18.04 0.34
C THR A 137 -12.99 17.64 1.12
N GLU A 138 -13.91 16.97 0.45
CA GLU A 138 -15.14 16.55 1.13
C GLU A 138 -15.07 15.17 1.79
N ASP A 139 -13.96 14.47 1.59
CA ASP A 139 -13.78 13.16 2.21
C ASP A 139 -13.30 13.41 3.64
N LYS A 140 -14.27 13.74 4.50
CA LYS A 140 -14.03 14.09 5.90
C LYS A 140 -13.70 12.93 6.82
N TRP A 141 -13.78 11.70 6.33
CA TRP A 141 -13.45 10.54 7.16
C TRP A 141 -11.95 10.39 7.34
N LEU A 142 -11.16 11.10 6.53
CA LEU A 142 -9.71 11.04 6.65
C LEU A 142 -9.28 11.77 7.91
N GLY A 143 -8.12 11.40 8.45
CA GLY A 143 -7.65 12.05 9.66
C GLY A 143 -8.30 11.50 10.93
N GLN A 144 -9.01 10.38 10.77
CA GLN A 144 -9.68 9.72 11.89
C GLN A 144 -9.15 8.31 12.02
N ALA A 145 -8.77 7.92 13.22
CA ALA A 145 -8.19 6.60 13.39
C ALA A 145 -8.84 5.73 14.46
N LEU A 146 -8.62 4.43 14.33
CA LEU A 146 -9.15 3.43 15.26
C LEU A 146 -7.98 2.64 15.82
N CYS A 147 -7.87 2.59 17.14
CA CYS A 147 -6.82 1.82 17.83
C CYS A 147 -7.53 0.69 18.56
N ILE A 148 -7.08 -0.55 18.37
CA ILE A 148 -7.71 -1.71 19.00
C ILE A 148 -6.64 -2.45 19.81
N ALA A 149 -6.95 -2.82 21.05
CA ALA A 149 -5.97 -3.52 21.87
C ALA A 149 -6.54 -4.58 22.81
N SER A 150 -5.82 -5.71 22.93
CA SER A 150 -6.27 -6.77 23.82
C SER A 150 -5.99 -6.24 25.22
N ALA A 151 -6.46 -6.94 26.25
CA ALA A 151 -6.23 -6.51 27.64
C ALA A 151 -4.99 -7.25 28.17
N GLU A 152 -4.17 -7.75 27.26
CA GLU A 152 -2.99 -8.50 27.67
C GLU A 152 -1.64 -7.82 27.49
N GLY A 153 -0.59 -8.57 27.82
CA GLY A 153 0.77 -8.07 27.67
C GLY A 153 1.28 -7.40 28.92
N GLY A 154 2.58 -7.10 28.95
CA GLY A 154 3.13 -6.45 30.13
C GLY A 154 4.61 -6.12 30.04
N PRO A 155 5.28 -6.02 31.20
CA PRO A 155 6.70 -5.68 31.36
C PRO A 155 7.68 -6.42 30.45
N SER A 156 7.31 -7.63 30.01
CA SER A 156 8.19 -8.40 29.14
C SER A 156 7.97 -8.13 27.65
N ALA A 157 6.97 -7.31 27.33
CA ALA A 157 6.67 -6.97 25.94
C ALA A 157 7.63 -5.90 25.41
N ASP A 158 7.43 -5.45 24.18
CA ASP A 158 8.32 -4.44 23.61
C ASP A 158 8.18 -3.15 24.41
N ASN A 159 9.31 -2.62 24.87
CA ASN A 159 9.32 -1.41 25.71
C ASN A 159 8.48 -1.58 26.97
N GLY A 160 8.31 -2.82 27.39
CA GLY A 160 7.54 -3.13 28.58
C GLY A 160 6.08 -2.72 28.57
N GLU A 161 5.47 -2.55 27.40
CA GLU A 161 4.09 -2.10 27.32
C GLU A 161 3.05 -3.21 27.12
N SER A 162 1.91 -3.07 27.78
CA SER A 162 0.81 -4.00 27.59
C SER A 162 0.26 -3.52 26.25
N ASP A 163 -0.60 -4.30 25.60
CA ASP A 163 -1.14 -3.86 24.30
C ASP A 163 -1.87 -2.53 24.36
N ILE A 164 -2.53 -2.28 25.49
CA ILE A 164 -3.27 -1.03 25.70
C ILE A 164 -2.29 0.15 25.82
N GLN A 165 -1.24 0.01 26.61
CA GLN A 165 -0.25 1.08 26.77
C GLN A 165 0.45 1.36 25.44
N HIS A 166 0.66 0.30 24.68
CA HIS A 166 1.32 0.38 23.37
C HIS A 166 0.44 1.19 22.42
N GLU A 167 -0.84 0.87 22.39
CA GLU A 167 -1.75 1.57 21.51
C GLU A 167 -1.98 3.03 21.98
N ASN A 168 -1.91 3.27 23.28
CA ASN A 168 -2.08 4.65 23.76
C ASN A 168 -0.93 5.53 23.26
N VAL A 169 0.29 4.99 23.24
CA VAL A 169 1.43 5.76 22.75
C VAL A 169 1.22 6.07 21.27
N ILE A 170 0.64 5.12 20.54
CA ILE A 170 0.38 5.34 19.13
C ILE A 170 -0.69 6.42 18.96
N ALA A 171 -1.74 6.35 19.78
CA ALA A 171 -2.82 7.33 19.69
C ALA A 171 -2.32 8.77 19.93
N ASN A 172 -1.39 8.93 20.88
CA ASN A 172 -0.80 10.24 21.18
C ASN A 172 0.02 10.75 19.99
N LEU A 173 0.75 9.84 19.36
CA LEU A 173 1.56 10.19 18.18
C LEU A 173 0.66 10.65 17.03
N LEU A 174 -0.45 9.93 16.81
CA LEU A 174 -1.37 10.29 15.74
C LEU A 174 -2.02 11.66 16.03
N THR A 175 -2.38 11.89 17.28
CA THR A 175 -3.01 13.15 17.67
C THR A 175 -2.02 14.31 17.46
N GLN A 176 -0.77 14.13 17.88
CA GLN A 176 0.24 15.16 17.70
C GLN A 176 0.44 15.50 16.23
N TYR A 177 0.33 14.49 15.37
CA TYR A 177 0.52 14.68 13.93
C TYR A 177 -0.61 15.48 13.30
N GLY A 178 -1.81 15.33 13.84
CA GLY A 178 -2.94 16.04 13.27
C GLY A 178 -4.23 15.24 13.15
N TYR A 179 -4.24 13.95 13.45
CA TYR A 179 -5.50 13.22 13.36
C TYR A 179 -6.48 13.91 14.30
N THR A 180 -7.70 14.14 13.84
CA THR A 180 -8.73 14.85 14.62
C THR A 180 -9.60 13.99 15.50
N LYS A 181 -9.61 12.68 15.27
CA LYS A 181 -10.40 11.78 16.10
C LYS A 181 -9.75 10.40 16.22
N ILE A 182 -9.56 9.94 17.45
CA ILE A 182 -8.99 8.63 17.68
C ILE A 182 -10.06 7.84 18.42
N ILE A 183 -10.45 6.70 17.84
CA ILE A 183 -11.44 5.84 18.46
C ILE A 183 -10.67 4.71 19.15
N LYS A 184 -10.95 4.49 20.44
CA LYS A 184 -10.27 3.42 21.17
C LYS A 184 -11.21 2.27 21.53
N CYS A 185 -10.90 1.08 21.02
CA CYS A 185 -11.68 -0.09 21.34
C CYS A 185 -10.73 -1.03 22.04
N TYR A 186 -10.69 -0.92 23.36
CA TYR A 186 -9.82 -1.76 24.18
C TYR A 186 -10.61 -2.77 24.98
N ASP A 187 -10.12 -4.01 25.05
CA ASP A 187 -10.80 -5.02 25.86
C ASP A 187 -10.68 -4.60 27.33
N PRO A 188 -11.51 -5.18 28.19
CA PRO A 188 -12.56 -6.17 27.94
C PRO A 188 -13.84 -5.54 27.38
N GLY A 189 -14.68 -6.38 26.77
CA GLY A 189 -15.97 -5.91 26.29
C GLY A 189 -16.17 -5.55 24.83
N VAL A 190 -15.10 -5.47 24.05
CA VAL A 190 -15.30 -5.12 22.64
C VAL A 190 -16.10 -6.21 21.89
N THR A 191 -17.08 -5.77 21.12
CA THR A 191 -17.92 -6.68 20.35
C THR A 191 -17.83 -6.32 18.86
N PRO A 192 -18.33 -7.21 17.99
CA PRO A 192 -18.33 -6.97 16.53
C PRO A 192 -18.97 -5.63 16.18
N LYS A 193 -20.09 -5.33 16.85
CA LYS A 193 -20.79 -4.06 16.63
C LYS A 193 -19.88 -2.83 16.77
N ASN A 194 -19.00 -2.85 17.76
CA ASN A 194 -18.10 -1.72 17.99
C ASN A 194 -17.20 -1.48 16.78
N ILE A 195 -16.75 -2.57 16.16
CA ILE A 195 -15.87 -2.45 15.02
C ILE A 195 -16.65 -2.04 13.79
N ILE A 196 -17.80 -2.68 13.58
CA ILE A 196 -18.64 -2.36 12.43
C ILE A 196 -19.02 -0.87 12.45
N ASP A 197 -19.44 -0.38 13.63
CA ASP A 197 -19.82 1.03 13.78
C ASP A 197 -18.67 1.99 13.49
N ALA A 198 -17.46 1.61 13.89
CA ALA A 198 -16.29 2.46 13.68
C ALA A 198 -15.99 2.59 12.18
N PHE A 199 -15.93 1.46 11.49
CA PHE A 199 -15.72 1.48 10.04
C PHE A 199 -16.82 2.28 9.35
N ASN A 200 -18.07 2.00 9.68
CA ASN A 200 -19.17 2.69 9.01
C ASN A 200 -19.25 4.18 9.31
N GLY A 201 -18.62 4.59 10.40
CA GLY A 201 -18.61 6.00 10.75
C GLY A 201 -17.58 6.79 9.98
N GLY A 202 -16.54 6.10 9.50
CA GLY A 202 -15.49 6.76 8.73
C GLY A 202 -14.15 6.84 9.43
N ILE A 203 -13.17 6.07 8.95
CA ILE A 203 -11.82 6.06 9.51
C ILE A 203 -10.83 5.81 8.39
N SER A 204 -9.60 6.33 8.52
CA SER A 204 -8.62 6.15 7.46
C SER A 204 -7.40 5.32 7.87
N LEU A 205 -7.32 4.97 9.15
CA LEU A 205 -6.22 4.18 9.69
C LEU A 205 -6.67 3.29 10.86
N VAL A 206 -6.23 2.05 10.85
CA VAL A 206 -6.55 1.12 11.93
C VAL A 206 -5.25 0.49 12.42
N ASN A 207 -5.08 0.48 13.74
CA ASN A 207 -3.94 -0.19 14.35
C ASN A 207 -4.59 -1.22 15.27
N TYR A 208 -4.18 -2.48 15.12
CA TYR A 208 -4.69 -3.56 15.93
C TYR A 208 -3.51 -4.24 16.61
N THR A 209 -3.63 -4.56 17.89
CA THR A 209 -2.56 -5.24 18.60
C THR A 209 -3.27 -6.23 19.51
N GLY A 210 -3.15 -7.52 19.23
CA GLY A 210 -3.80 -8.52 20.07
C GLY A 210 -3.68 -9.92 19.49
N HIS A 211 -4.73 -10.71 19.68
CA HIS A 211 -4.78 -12.07 19.16
C HIS A 211 -5.57 -12.14 17.89
N GLY A 212 -5.36 -13.21 17.13
CA GLY A 212 -6.11 -13.37 15.90
C GLY A 212 -6.08 -14.81 15.39
N SER A 213 -7.09 -15.16 14.60
CA SER A 213 -7.14 -16.48 14.00
C SER A 213 -7.10 -16.20 12.49
N GLU A 214 -7.22 -17.25 11.68
CA GLU A 214 -7.19 -17.05 10.24
C GLU A 214 -8.31 -16.17 9.73
N THR A 215 -9.41 -16.12 10.46
CA THR A 215 -10.56 -15.36 10.00
C THR A 215 -11.12 -14.30 10.93
N ALA A 216 -10.44 -13.99 12.04
CA ALA A 216 -11.00 -12.99 12.93
C ALA A 216 -10.03 -12.39 13.92
N TRP A 217 -10.47 -11.31 14.56
CA TRP A 217 -9.70 -10.66 15.61
C TRP A 217 -10.15 -11.18 16.97
N GLY A 218 -9.20 -11.52 17.85
CA GLY A 218 -9.53 -12.01 19.18
C GLY A 218 -10.21 -10.93 20.01
N THR A 219 -9.79 -9.69 19.83
CA THR A 219 -10.42 -8.57 20.53
C THR A 219 -11.48 -8.02 19.56
N SER A 220 -12.74 -8.12 19.99
CA SER A 220 -13.95 -7.69 19.26
C SER A 220 -14.65 -8.91 18.68
N HIS A 221 -13.87 -9.95 18.38
CA HIS A 221 -14.41 -11.16 17.78
C HIS A 221 -14.97 -10.85 16.38
N PHE A 222 -14.58 -9.71 15.81
CA PHE A 222 -15.02 -9.30 14.47
C PHE A 222 -14.30 -10.21 13.49
N GLY A 223 -15.02 -10.76 12.51
CA GLY A 223 -14.38 -11.67 11.55
C GLY A 223 -14.92 -11.60 10.14
N THR A 224 -14.52 -12.56 9.31
CA THR A 224 -14.95 -12.58 7.91
C THR A 224 -16.46 -12.63 7.74
N THR A 225 -17.18 -13.21 8.70
CA THR A 225 -18.62 -13.25 8.57
C THR A 225 -19.27 -11.88 8.82
N HIS A 226 -18.56 -10.95 9.46
CA HIS A 226 -19.12 -9.63 9.71
C HIS A 226 -18.83 -8.61 8.61
N VAL A 227 -17.88 -8.93 7.75
CA VAL A 227 -17.50 -8.02 6.68
C VAL A 227 -18.68 -7.57 5.83
N LYS A 228 -19.66 -8.46 5.59
CA LYS A 228 -20.81 -8.10 4.78
C LYS A 228 -21.62 -6.97 5.39
N GLN A 229 -21.40 -6.67 6.67
CA GLN A 229 -22.13 -5.59 7.31
C GLN A 229 -21.52 -4.20 7.12
N LEU A 230 -20.34 -4.14 6.52
CA LEU A 230 -19.66 -2.86 6.30
C LEU A 230 -20.27 -2.09 5.14
N THR A 231 -20.43 -0.78 5.33
CA THR A 231 -20.99 0.06 4.30
C THR A 231 -20.13 1.31 4.11
N ASN A 232 -18.83 1.18 4.40
CA ASN A 232 -17.91 2.31 4.27
C ASN A 232 -17.47 2.45 2.80
N SER A 233 -18.44 2.71 1.93
CA SER A 233 -18.23 2.85 0.49
C SER A 233 -17.15 3.84 0.15
N ASN A 234 -16.03 3.34 -0.38
CA ASN A 234 -14.90 4.20 -0.73
C ASN A 234 -14.42 5.15 0.38
N GLN A 235 -14.60 4.72 1.63
CA GLN A 235 -14.10 5.46 2.79
C GLN A 235 -13.30 4.35 3.47
N LEU A 236 -12.15 4.03 2.86
CA LEU A 236 -11.32 2.90 3.27
C LEU A 236 -10.02 3.17 4.02
N PRO A 237 -9.86 2.56 5.20
CA PRO A 237 -8.62 2.74 5.96
C PRO A 237 -7.59 1.69 5.52
N PHE A 238 -6.33 1.89 5.90
CA PHE A 238 -5.35 0.85 5.67
C PHE A 238 -5.05 0.38 7.09
N ILE A 239 -4.54 -0.84 7.24
CA ILE A 239 -4.35 -1.40 8.57
C ILE A 239 -2.98 -2.00 8.86
N PHE A 240 -2.43 -1.71 10.03
CA PHE A 240 -1.17 -2.30 10.50
C PHE A 240 -1.70 -3.32 11.53
N ASP A 241 -1.63 -4.59 11.14
CA ASP A 241 -2.23 -5.67 11.91
C ASP A 241 -1.27 -6.61 12.66
N VAL A 242 -1.24 -6.47 13.98
CA VAL A 242 -0.39 -7.33 14.82
C VAL A 242 -1.27 -8.44 15.38
N ALA A 243 -1.13 -9.64 14.83
CA ALA A 243 -1.93 -10.79 15.27
C ALA A 243 -1.46 -12.03 14.54
N CYS A 244 -1.76 -13.20 15.10
CA CYS A 244 -1.41 -14.44 14.41
C CYS A 244 -2.32 -14.60 13.21
N VAL A 245 -1.77 -15.29 12.21
CA VAL A 245 -2.41 -15.71 10.97
C VAL A 245 -3.53 -14.96 10.27
N ASN A 246 -3.83 -13.71 10.65
CA ASN A 246 -4.86 -12.92 9.96
C ASN A 246 -4.56 -12.85 8.46
N GLY A 247 -3.31 -13.06 8.09
CA GLY A 247 -2.95 -13.00 6.68
C GLY A 247 -2.63 -14.32 6.01
N ASP A 248 -3.08 -15.44 6.59
CA ASP A 248 -2.79 -16.74 5.99
C ASP A 248 -3.68 -16.94 4.76
N PHE A 249 -3.19 -16.46 3.61
CA PHE A 249 -3.98 -16.57 2.41
C PHE A 249 -3.96 -17.92 1.73
N LEU A 250 -3.32 -18.89 2.37
CA LEU A 250 -3.28 -20.25 1.85
C LEU A 250 -4.31 -21.08 2.63
N PHE A 251 -5.10 -20.44 3.49
CA PHE A 251 -6.14 -21.09 4.28
C PHE A 251 -7.25 -21.63 3.37
N SER A 252 -7.99 -22.65 3.81
CA SER A 252 -9.07 -23.24 3.01
C SER A 252 -10.22 -22.29 2.69
N MET A 253 -10.32 -21.19 3.42
CA MET A 253 -11.36 -20.19 3.17
C MET A 253 -10.66 -18.83 3.12
N PRO A 254 -11.32 -17.80 2.57
CA PRO A 254 -10.63 -16.50 2.55
C PRO A 254 -10.22 -16.10 3.97
N CYS A 255 -8.99 -15.65 4.14
CA CYS A 255 -8.55 -15.22 5.48
C CYS A 255 -9.06 -13.81 5.76
N PHE A 256 -8.89 -13.38 7.00
CA PHE A 256 -9.32 -12.06 7.48
C PHE A 256 -8.92 -10.95 6.49
N ALA A 257 -7.63 -10.90 6.14
CA ALA A 257 -7.10 -9.89 5.22
C ALA A 257 -7.74 -9.93 3.83
N GLU A 258 -7.87 -11.13 3.25
CA GLU A 258 -8.48 -11.24 1.93
C GLU A 258 -9.94 -10.77 1.91
N ALA A 259 -10.70 -11.11 2.95
CA ALA A 259 -12.10 -10.72 3.03
C ALA A 259 -12.27 -9.20 3.03
N LEU A 260 -11.38 -8.51 3.75
CA LEU A 260 -11.44 -7.06 3.81
C LEU A 260 -11.04 -6.38 2.50
N MET A 261 -10.09 -6.96 1.77
CA MET A 261 -9.67 -6.40 0.49
C MET A 261 -10.68 -6.67 -0.64
N ARG A 262 -11.49 -7.70 -0.50
CA ARG A 262 -12.48 -8.08 -1.52
C ARG A 262 -13.92 -7.61 -1.24
N ALA A 263 -14.15 -7.05 -0.07
CA ALA A 263 -15.49 -6.60 0.30
C ALA A 263 -16.07 -5.55 -0.64
N GLN A 264 -17.34 -5.73 -0.98
CA GLN A 264 -18.09 -4.83 -1.87
C GLN A 264 -19.54 -4.73 -1.41
N LYS A 265 -20.15 -3.57 -1.65
CA LYS A 265 -21.55 -3.35 -1.30
C LYS A 265 -22.17 -2.66 -2.50
N ASP A 266 -23.13 -3.33 -3.12
CA ASP A 266 -23.81 -2.79 -4.30
C ASP A 266 -22.83 -2.20 -5.30
N GLY A 267 -21.81 -3.00 -5.66
CA GLY A 267 -20.82 -2.59 -6.64
C GLY A 267 -19.77 -1.57 -6.20
N LYS A 268 -19.77 -1.18 -4.93
CA LYS A 268 -18.79 -0.20 -4.44
C LYS A 268 -17.86 -0.86 -3.42
N PRO A 269 -16.57 -0.48 -3.41
CA PRO A 269 -15.58 -1.03 -2.47
C PRO A 269 -15.84 -0.68 -1.01
N THR A 270 -15.79 -1.69 -0.13
CA THR A 270 -15.96 -1.46 1.30
C THR A 270 -14.78 -2.19 1.91
N GLY A 271 -14.62 -2.10 3.22
CA GLY A 271 -13.50 -2.77 3.87
C GLY A 271 -12.25 -1.93 3.93
N THR A 272 -11.14 -2.46 3.42
CA THR A 272 -9.85 -1.77 3.46
C THR A 272 -9.22 -1.48 2.10
N VAL A 273 -8.33 -0.47 2.07
CA VAL A 273 -7.64 -0.13 0.84
C VAL A 273 -6.31 -0.91 0.83
N ALA A 274 -5.83 -1.27 2.02
CA ALA A 274 -4.59 -2.05 2.18
C ALA A 274 -4.44 -2.52 3.61
N ILE A 275 -3.77 -3.66 3.78
CA ILE A 275 -3.54 -4.21 5.12
C ILE A 275 -2.29 -5.08 5.10
N ILE A 276 -1.51 -5.04 6.18
CA ILE A 276 -0.33 -5.90 6.25
C ILE A 276 -0.67 -6.86 7.39
N ALA A 277 -0.74 -8.16 7.07
CA ALA A 277 -1.11 -9.20 8.03
C ALA A 277 -0.23 -10.44 7.86
N SER A 278 0.01 -11.14 8.96
CA SER A 278 0.88 -12.31 8.99
C SER A 278 0.29 -13.61 8.46
N THR A 279 1.11 -14.36 7.76
CA THR A 279 0.69 -15.66 7.24
C THR A 279 0.84 -16.73 8.33
N ILE A 280 1.67 -16.46 9.34
CA ILE A 280 1.89 -17.44 10.39
C ILE A 280 1.66 -16.84 11.76
N ASP A 281 1.91 -17.64 12.80
CA ASP A 281 1.74 -17.17 14.16
C ASP A 281 2.82 -16.12 14.44
N GLN A 282 2.46 -15.03 15.10
CA GLN A 282 3.42 -14.00 15.43
C GLN A 282 3.87 -14.07 16.88
N TYR A 283 5.13 -13.74 17.10
CA TYR A 283 5.69 -13.69 18.45
C TYR A 283 5.02 -12.49 19.11
N TRP A 284 5.11 -12.40 20.43
CA TRP A 284 4.46 -11.32 21.15
C TRP A 284 5.08 -9.92 21.00
N ALA A 285 6.36 -9.78 21.32
CA ALA A 285 6.99 -8.46 21.28
C ALA A 285 7.54 -7.89 19.96
N PRO A 286 8.24 -8.72 19.15
CA PRO A 286 8.79 -8.18 17.89
C PRO A 286 7.86 -7.35 16.99
N PRO A 287 6.66 -7.85 16.69
CA PRO A 287 5.76 -7.08 15.83
C PRO A 287 5.36 -5.74 16.44
N MET A 288 5.40 -5.66 17.77
CA MET A 288 5.07 -4.39 18.41
C MET A 288 6.06 -3.29 17.98
N ARG A 289 7.34 -3.63 17.92
CA ARG A 289 8.35 -2.65 17.51
C ARG A 289 8.10 -2.24 16.07
N GLY A 290 7.80 -3.22 15.22
CA GLY A 290 7.51 -2.92 13.82
C GLY A 290 6.31 -1.98 13.67
N GLN A 291 5.24 -2.26 14.40
CA GLN A 291 4.04 -1.45 14.34
C GLN A 291 4.35 -0.02 14.79
N ASP A 292 5.14 0.13 15.85
CA ASP A 292 5.50 1.47 16.30
C ASP A 292 6.23 2.25 15.26
N GLU A 293 7.24 1.65 14.64
CA GLU A 293 8.01 2.36 13.63
C GLU A 293 7.17 2.72 12.39
N MET A 294 6.21 1.86 12.05
CA MET A 294 5.35 2.16 10.90
C MET A 294 4.62 3.46 11.16
N ASN A 295 4.10 3.61 12.37
CA ASN A 295 3.38 4.82 12.74
C ASN A 295 4.31 6.03 12.87
N GLU A 296 5.54 5.82 13.34
CA GLU A 296 6.48 6.94 13.45
C GLU A 296 6.83 7.46 12.06
N ILE A 297 7.02 6.54 11.11
CA ILE A 297 7.34 6.95 9.75
C ILE A 297 6.11 7.62 9.11
N LEU A 298 4.92 7.06 9.35
CA LEU A 298 3.70 7.64 8.79
C LEU A 298 3.54 9.08 9.29
N CYS A 299 3.88 9.31 10.56
CA CYS A 299 3.74 10.66 11.11
C CYS A 299 4.97 11.52 10.90
N GLU A 300 5.78 11.17 9.91
CA GLU A 300 6.96 11.95 9.56
C GLU A 300 7.83 12.33 10.75
N LYS A 301 8.08 11.38 11.65
CA LYS A 301 8.92 11.70 12.80
C LYS A 301 10.41 11.64 12.50
N HIS A 302 10.77 11.01 11.39
CA HIS A 302 12.18 10.93 10.98
C HIS A 302 12.30 11.64 9.65
N PRO A 303 12.73 12.91 9.71
CA PRO A 303 12.92 13.81 8.56
C PRO A 303 13.73 13.23 7.40
N ASN A 304 14.71 12.39 7.68
CA ASN A 304 15.48 11.87 6.56
C ASN A 304 15.01 10.47 6.13
N ASN A 305 13.85 10.06 6.62
CA ASN A 305 13.27 8.76 6.28
C ASN A 305 11.77 8.98 6.06
N ILE A 306 11.45 9.68 5.00
CA ILE A 306 10.06 9.97 4.65
C ILE A 306 9.66 8.90 3.65
N LYS A 307 8.50 8.31 3.83
CA LYS A 307 8.00 7.27 2.94
C LYS A 307 6.55 7.58 2.62
N ARG A 308 6.23 7.65 1.33
CA ARG A 308 4.87 7.98 0.91
C ARG A 308 4.01 6.79 0.48
N THR A 309 4.61 5.63 0.28
CA THR A 309 3.83 4.46 -0.16
C THR A 309 3.57 3.46 0.96
N PHE A 310 2.49 2.70 0.84
CA PHE A 310 2.16 1.71 1.86
C PHE A 310 3.32 0.71 1.99
N GLY A 311 3.94 0.36 0.87
CA GLY A 311 5.04 -0.58 0.93
C GLY A 311 6.23 0.03 1.65
N GLY A 312 6.55 1.29 1.31
CA GLY A 312 7.68 1.96 1.94
C GLY A 312 7.53 2.16 3.44
N VAL A 313 6.32 2.53 3.85
CA VAL A 313 6.05 2.74 5.27
C VAL A 313 6.14 1.45 6.06
N THR A 314 5.50 0.39 5.58
CA THR A 314 5.52 -0.87 6.31
C THR A 314 6.85 -1.59 6.32
N MET A 315 7.53 -1.66 5.18
CA MET A 315 8.81 -2.36 5.12
C MET A 315 9.87 -1.67 5.99
N ASN A 316 9.95 -0.35 5.93
CA ASN A 316 10.92 0.35 6.76
C ASN A 316 10.57 0.25 8.24
N GLY A 317 9.29 0.15 8.54
CA GLY A 317 8.88 -0.01 9.93
C GLY A 317 9.37 -1.37 10.41
N MET A 318 9.30 -2.37 9.54
CA MET A 318 9.75 -3.72 9.91
C MET A 318 11.28 -3.83 10.05
N PHE A 319 12.04 -2.99 9.36
CA PHE A 319 13.50 -3.00 9.47
C PHE A 319 13.91 -2.77 10.92
N ALA A 320 13.19 -1.88 11.60
CA ALA A 320 13.49 -1.57 12.99
C ALA A 320 13.26 -2.80 13.83
N MET A 321 12.27 -3.60 13.47
CA MET A 321 11.98 -4.83 14.20
C MET A 321 13.14 -5.83 14.03
N VAL A 322 13.62 -5.99 12.80
CA VAL A 322 14.72 -6.93 12.56
C VAL A 322 15.96 -6.50 13.33
N GLU A 323 16.24 -5.21 13.28
CA GLU A 323 17.39 -4.64 13.95
C GLU A 323 17.40 -4.92 15.46
N LYS A 324 16.24 -4.83 16.09
CA LYS A 324 16.16 -5.05 17.52
C LYS A 324 15.92 -6.50 17.94
N TYR A 325 15.22 -7.28 17.12
CA TYR A 325 14.92 -8.66 17.48
C TYR A 325 15.66 -9.77 16.71
N LYS A 326 16.48 -9.38 15.74
CA LYS A 326 17.27 -10.33 14.97
C LYS A 326 16.49 -11.48 14.31
N LYS A 327 16.94 -12.72 14.50
CA LYS A 327 16.29 -13.90 13.92
C LYS A 327 14.77 -13.91 14.08
N ASP A 328 14.27 -13.70 15.30
CA ASP A 328 12.82 -13.69 15.52
C ASP A 328 12.19 -12.56 14.70
N GLY A 329 12.90 -11.45 14.60
CA GLY A 329 12.41 -10.33 13.83
C GLY A 329 12.35 -10.65 12.34
N GLU A 330 13.34 -11.39 11.83
CA GLU A 330 13.40 -11.76 10.44
C GLU A 330 12.24 -12.68 10.05
N ASN A 331 11.91 -13.65 10.91
CA ASN A 331 10.79 -14.54 10.60
C ASN A 331 9.49 -13.74 10.51
N MET A 332 9.36 -12.72 11.36
CA MET A 332 8.16 -11.90 11.35
C MET A 332 8.08 -11.07 10.07
N LEU A 333 9.20 -10.48 9.67
CA LEU A 333 9.25 -9.67 8.46
C LEU A 333 8.91 -10.48 7.22
N ASP A 334 9.50 -11.67 7.08
CA ASP A 334 9.23 -12.53 5.92
C ASP A 334 7.75 -12.86 5.73
N THR A 335 7.05 -13.03 6.84
CA THR A 335 5.65 -13.44 6.80
C THR A 335 4.60 -12.34 6.97
N TRP A 336 5.04 -11.13 7.31
CA TRP A 336 4.09 -10.03 7.51
C TRP A 336 3.86 -9.56 6.07
N THR A 337 2.73 -9.98 5.52
CA THR A 337 2.38 -9.79 4.12
C THR A 337 1.51 -8.61 3.70
N VAL A 338 1.95 -7.92 2.66
CA VAL A 338 1.16 -6.80 2.19
C VAL A 338 0.04 -7.23 1.24
N PHE A 339 -1.21 -6.92 1.59
CA PHE A 339 -2.35 -7.20 0.73
C PHE A 339 -2.75 -5.82 0.25
N GLY A 340 -2.73 -5.65 -1.06
CA GLY A 340 -3.04 -4.34 -1.63
C GLY A 340 -1.85 -3.90 -2.46
N ASP A 341 -1.94 -2.69 -3.01
CA ASP A 341 -0.91 -2.10 -3.88
C ASP A 341 0.27 -1.58 -3.04
N PRO A 342 1.47 -2.15 -3.23
CA PRO A 342 2.63 -1.72 -2.47
C PRO A 342 3.07 -0.31 -2.80
N SER A 343 2.63 0.21 -3.95
CA SER A 343 3.00 1.57 -4.38
C SER A 343 1.95 2.59 -3.94
N LEU A 344 0.92 2.13 -3.24
CA LEU A 344 -0.16 3.01 -2.82
C LEU A 344 0.31 4.27 -2.08
N LEU A 345 -0.05 5.45 -2.59
CA LEU A 345 0.31 6.71 -1.91
C LEU A 345 -0.68 6.89 -0.75
N VAL A 346 -0.23 6.73 0.48
CA VAL A 346 -1.14 6.84 1.61
C VAL A 346 -1.62 8.26 1.88
N ARG A 347 -2.80 8.36 2.48
CA ARG A 347 -3.38 9.65 2.85
C ARG A 347 -3.60 9.56 4.35
N THR A 348 -3.26 10.62 5.08
CA THR A 348 -3.43 10.64 6.52
C THR A 348 -4.47 11.67 7.00
N LEU A 349 -4.59 12.78 6.29
CA LEU A 349 -5.54 13.83 6.69
C LEU A 349 -6.42 14.24 5.53
N VAL A 350 -7.44 15.05 5.82
CA VAL A 350 -8.34 15.54 4.77
C VAL A 350 -7.40 16.36 3.89
N PRO A 351 -7.42 16.13 2.57
CA PRO A 351 -6.52 16.88 1.69
C PRO A 351 -6.85 18.35 1.44
N THR A 352 -5.83 19.09 1.00
CA THR A 352 -6.04 20.48 0.64
C THR A 352 -5.84 20.52 -0.89
N GLU A 353 -6.18 21.62 -1.53
CA GLU A 353 -6.02 21.67 -2.96
C GLU A 353 -4.71 22.33 -3.35
N MET A 354 -4.29 22.10 -4.59
CA MET A 354 -3.06 22.66 -5.11
C MET A 354 -3.39 23.67 -6.19
N GLN A 355 -2.52 24.66 -6.33
CA GLN A 355 -2.70 25.69 -7.35
C GLN A 355 -1.73 25.29 -8.47
N VAL A 356 -2.30 24.82 -9.57
CA VAL A 356 -1.50 24.38 -10.71
C VAL A 356 -1.76 25.28 -11.92
N THR A 357 -0.70 25.86 -12.45
CA THR A 357 -0.82 26.72 -13.61
C THR A 357 0.03 26.16 -14.75
N ALA A 358 -0.61 25.73 -15.83
CA ALA A 358 0.15 25.20 -16.96
C ALA A 358 -0.44 25.74 -18.27
N PRO A 359 0.37 25.73 -19.34
CA PRO A 359 -0.09 26.20 -20.65
C PRO A 359 -1.26 25.34 -21.09
N ALA A 360 -2.16 25.93 -21.86
CA ALA A 360 -3.31 25.16 -22.32
C ALA A 360 -2.92 24.34 -23.54
N ASN A 361 -1.83 24.74 -24.18
CA ASN A 361 -1.33 24.07 -25.38
C ASN A 361 0.14 23.70 -25.27
N ILE A 362 0.58 22.81 -26.15
CA ILE A 362 1.97 22.41 -26.21
C ILE A 362 2.34 22.24 -27.68
N SER A 363 3.55 22.65 -28.03
CA SER A 363 4.00 22.53 -29.41
C SER A 363 4.22 21.07 -29.78
N ALA A 364 3.80 20.69 -30.98
CA ALA A 364 3.97 19.32 -31.46
C ALA A 364 5.44 18.94 -31.61
N SER A 365 6.32 19.93 -31.45
CA SER A 365 7.77 19.70 -31.56
C SER A 365 8.49 19.94 -30.24
N ALA A 366 7.71 20.22 -29.20
CA ALA A 366 8.27 20.49 -27.88
C ALA A 366 9.10 19.34 -27.33
N GLN A 367 10.12 19.68 -26.55
CA GLN A 367 10.98 18.71 -25.91
C GLN A 367 10.73 18.77 -24.42
N THR A 368 10.22 19.91 -23.97
CA THR A 368 9.93 20.11 -22.55
C THR A 368 8.60 20.78 -22.34
N PHE A 369 8.14 20.76 -21.09
CA PHE A 369 6.87 21.37 -20.75
C PHE A 369 7.02 21.84 -19.31
N GLU A 370 6.73 23.11 -19.06
CA GLU A 370 6.87 23.69 -17.73
C GLU A 370 5.53 23.89 -17.06
N VAL A 371 5.43 23.45 -15.81
CA VAL A 371 4.21 23.56 -15.03
C VAL A 371 4.51 24.29 -13.72
N ALA A 372 3.62 25.19 -13.33
CA ALA A 372 3.79 25.94 -12.09
C ALA A 372 2.89 25.29 -11.05
N CYS A 373 3.41 25.05 -9.85
CA CYS A 373 2.62 24.44 -8.78
C CYS A 373 3.01 25.01 -7.43
N ASP A 374 2.02 25.43 -6.64
CA ASP A 374 2.31 26.01 -5.34
C ASP A 374 2.61 24.99 -4.24
N TYR A 375 2.88 23.74 -4.63
CA TYR A 375 3.22 22.70 -3.66
C TYR A 375 4.49 21.97 -4.09
N ASN A 376 5.61 22.26 -3.46
CA ASN A 376 6.85 21.59 -3.83
C ASN A 376 6.82 20.14 -3.40
N GLY A 377 7.22 19.25 -4.30
CA GLY A 377 7.20 17.83 -3.98
C GLY A 377 6.14 17.09 -4.76
N ALA A 378 5.25 17.85 -5.41
CA ALA A 378 4.20 17.24 -6.21
C ALA A 378 4.83 16.56 -7.41
N ILE A 379 4.14 15.57 -7.95
CA ILE A 379 4.66 14.86 -9.11
C ILE A 379 3.76 15.24 -10.26
N ALA A 380 4.35 15.83 -11.31
CA ALA A 380 3.63 16.24 -12.51
C ALA A 380 3.98 15.31 -13.66
N THR A 381 2.96 14.76 -14.30
CA THR A 381 3.18 13.81 -15.38
C THR A 381 2.33 14.01 -16.61
N LEU A 382 2.94 13.85 -17.78
CA LEU A 382 2.23 13.95 -19.04
C LEU A 382 2.06 12.55 -19.60
N SER A 383 0.86 12.24 -20.07
CA SER A 383 0.61 10.92 -20.61
C SER A 383 -0.38 10.96 -21.75
N ASP A 384 -0.43 9.85 -22.47
CA ASP A 384 -1.31 9.67 -23.60
C ASP A 384 -1.91 8.28 -23.49
N ASP A 385 -3.19 8.21 -23.13
CA ASP A 385 -3.89 6.93 -22.99
C ASP A 385 -3.04 5.85 -22.31
N GLY A 386 -2.58 6.12 -21.09
CA GLY A 386 -1.79 5.14 -20.36
C GLY A 386 -0.32 5.07 -20.76
N ASP A 387 0.08 5.95 -21.67
CA ASP A 387 1.47 5.96 -22.10
C ASP A 387 2.12 7.22 -21.53
N MET A 388 3.05 7.03 -20.59
CA MET A 388 3.74 8.14 -19.94
C MET A 388 4.77 8.76 -20.86
N VAL A 389 4.62 10.06 -21.10
CA VAL A 389 5.51 10.79 -21.99
C VAL A 389 6.60 11.55 -21.25
N GLY A 390 6.37 11.82 -19.97
CA GLY A 390 7.38 12.52 -19.20
C GLY A 390 6.85 12.82 -17.82
N THR A 391 7.75 12.87 -16.85
CA THR A 391 7.35 13.13 -15.49
C THR A 391 8.44 13.88 -14.75
N ALA A 392 8.05 14.67 -13.76
CA ALA A 392 9.03 15.45 -13.01
C ALA A 392 8.43 15.85 -11.67
N ILE A 393 9.31 16.20 -10.75
CA ILE A 393 8.93 16.61 -9.41
C ILE A 393 8.98 18.13 -9.33
N VAL A 394 7.99 18.72 -8.65
CA VAL A 394 7.93 20.17 -8.51
C VAL A 394 9.01 20.64 -7.54
N LYS A 395 9.79 21.62 -7.95
CA LYS A 395 10.85 22.19 -7.12
C LYS A 395 10.82 23.69 -7.35
N ASP A 396 11.00 24.48 -6.29
CA ASP A 396 10.96 25.93 -6.41
C ASP A 396 9.77 26.45 -7.18
N GLY A 397 8.61 25.82 -6.96
CA GLY A 397 7.40 26.28 -7.62
C GLY A 397 7.17 25.78 -9.04
N LYS A 398 8.06 24.94 -9.56
CA LYS A 398 7.83 24.45 -10.91
C LYS A 398 8.41 23.09 -11.26
N ALA A 399 7.80 22.47 -12.26
CA ALA A 399 8.24 21.16 -12.72
C ALA A 399 8.61 21.31 -14.18
N ILE A 400 9.81 20.85 -14.54
CA ILE A 400 10.24 20.92 -15.93
C ILE A 400 10.20 19.51 -16.44
N ILE A 401 9.15 19.18 -17.16
CA ILE A 401 8.97 17.83 -17.68
C ILE A 401 9.71 17.62 -19.00
N LYS A 402 10.63 16.65 -19.04
CA LYS A 402 11.34 16.36 -20.28
C LYS A 402 10.60 15.22 -20.99
N LEU A 403 10.16 15.45 -22.22
CA LEU A 403 9.44 14.42 -22.96
C LEU A 403 10.37 13.30 -23.37
N ASN A 404 9.92 12.06 -23.24
CA ASN A 404 10.75 10.91 -23.59
C ASN A 404 10.50 10.39 -25.01
N GLU A 405 9.69 11.12 -25.76
CA GLU A 405 9.36 10.76 -27.13
C GLU A 405 8.69 11.93 -27.84
N SER A 406 8.50 11.79 -29.15
CA SER A 406 7.84 12.82 -29.94
C SER A 406 6.33 12.78 -29.77
N ILE A 407 5.72 13.95 -29.65
CA ILE A 407 4.26 14.03 -29.50
C ILE A 407 3.65 14.63 -30.78
N ALA A 408 4.48 14.76 -31.82
CA ALA A 408 4.06 15.32 -33.10
C ALA A 408 2.86 14.57 -33.66
N ASP A 409 2.64 13.35 -33.17
CA ASP A 409 1.52 12.52 -33.64
C ASP A 409 0.29 12.62 -32.74
N GLU A 410 0.36 13.45 -31.71
CA GLU A 410 -0.76 13.57 -30.78
C GLU A 410 -1.57 14.84 -30.95
N THR A 411 -2.81 14.79 -30.50
CA THR A 411 -3.70 15.94 -30.57
C THR A 411 -3.98 16.48 -29.17
N ASN A 412 -3.90 15.60 -28.17
CA ASN A 412 -4.15 15.97 -26.78
C ASN A 412 -3.27 15.16 -25.82
N LEU A 413 -2.92 15.77 -24.71
CA LEU A 413 -2.12 15.09 -23.69
C LEU A 413 -2.76 15.34 -22.33
N THR A 414 -2.61 14.37 -21.44
CA THR A 414 -3.18 14.50 -20.11
C THR A 414 -2.10 14.89 -19.13
N LEU A 415 -2.36 15.94 -18.36
CA LEU A 415 -1.42 16.38 -17.34
C LEU A 415 -2.01 15.91 -16.01
N THR A 416 -1.22 15.18 -15.22
CA THR A 416 -1.69 14.71 -13.92
C THR A 416 -0.69 15.16 -12.88
N VAL A 417 -1.21 15.76 -11.80
CA VAL A 417 -0.36 16.23 -10.73
C VAL A 417 -0.85 15.66 -9.40
N VAL A 418 0.02 14.94 -8.70
CA VAL A 418 -0.35 14.36 -7.40
C VAL A 418 0.55 14.95 -6.33
N GLY A 419 0.09 14.95 -5.09
CA GLY A 419 0.89 15.47 -4.00
C GLY A 419 0.41 14.88 -2.69
N TYR A 420 1.32 14.78 -1.72
CA TYR A 420 0.98 14.21 -0.42
C TYR A 420 -0.16 14.99 0.27
N ASN A 421 -1.25 14.28 0.59
CA ASN A 421 -2.42 14.87 1.23
C ASN A 421 -2.98 16.02 0.40
N LYS A 422 -2.92 15.86 -0.92
CA LYS A 422 -3.43 16.86 -1.85
C LYS A 422 -4.48 16.26 -2.74
N VAL A 423 -5.34 17.13 -3.29
CA VAL A 423 -6.36 16.66 -4.21
C VAL A 423 -5.68 16.57 -5.56
N THR A 424 -5.79 15.41 -6.20
CA THR A 424 -5.16 15.21 -7.50
C THR A 424 -5.75 16.11 -8.57
N VAL A 425 -4.86 16.74 -9.34
CA VAL A 425 -5.24 17.63 -10.42
C VAL A 425 -5.00 16.96 -11.76
N ILE A 426 -6.00 17.03 -12.63
CA ILE A 426 -5.92 16.44 -13.97
C ILE A 426 -6.40 17.50 -14.98
N LYS A 427 -5.54 17.86 -15.93
CA LYS A 427 -5.87 18.85 -16.95
C LYS A 427 -5.55 18.32 -18.34
N ASP A 428 -6.17 18.91 -19.35
CA ASP A 428 -5.90 18.53 -20.73
C ASP A 428 -4.92 19.52 -21.34
N VAL A 429 -4.08 19.03 -22.23
CA VAL A 429 -3.09 19.86 -22.91
C VAL A 429 -3.29 19.62 -24.39
N LYS A 430 -3.75 20.65 -25.10
CA LYS A 430 -3.97 20.53 -26.54
C LYS A 430 -2.62 20.65 -27.23
N VAL A 431 -2.35 19.74 -28.17
CA VAL A 431 -1.11 19.76 -28.91
C VAL A 431 -1.31 20.59 -30.18
N GLU A 432 -0.58 21.70 -30.27
CA GLU A 432 -0.69 22.57 -31.43
C GLU A 432 0.53 22.45 -32.32
N H37 B . 3.76 -16.41 24.87
CA H37 B . 3.03 -17.27 23.94
C H37 B . 2.91 -16.55 22.61
O H37 B . 3.42 -15.44 22.51
CB H37 B . 3.78 -18.65 23.84
CG H37 B . 5.23 -18.44 23.35
CD1 H37 B . 6.25 -18.03 24.28
CD2 H37 B . 5.58 -18.64 21.99
CE1 H37 B . 7.59 -17.83 23.83
CE2 H37 B . 6.91 -18.42 21.54
CZ H37 B . 7.92 -18.02 22.46
N1 H37 B . 2.24 -17.15 21.57
CA1 H37 B . 2.09 -16.45 20.26
C1 H37 B . 0.83 -15.61 20.33
O1 H37 B . 0.10 -15.72 21.31
CB1 H37 B . 1.87 -17.46 19.10
CG1 H37 B . 3.08 -18.38 18.87
CD11 H37 B . 3.01 -19.77 19.20
CD21 H37 B . 4.28 -17.83 18.32
CE11 H37 B . 4.13 -20.61 18.97
CE21 H37 B . 5.41 -18.68 18.09
CZ1 H37 B . 5.34 -20.07 18.42
N2 H37 B . 0.54 -14.78 19.28
CA2 H37 B . -0.68 -13.96 19.25
C2 H37 B . -1.73 -14.66 18.37
O2 H37 B . -2.67 -14.03 17.94
CB2 H37 B . -0.37 -12.56 18.64
CG2 H37 B . 0.59 -11.74 19.52
CD H37 B . 0.81 -10.34 18.87
NE H37 B . 1.64 -9.46 19.71
CZ2 H37 B . 0.95 -8.73 20.65
NH2 H37 B . 1.59 -7.97 21.45
NH1 H37 B . -0.36 -8.82 20.71
C3 H37 B . -1.65 -16.15 18.07
CA CA C . 4.88 0.35 21.66
CA CA D . -6.71 -17.32 -0.42
CA CA E . 18.81 -7.08 1.19
CA CA F . 11.34 5.55 14.80
CA CA G . -14.13 -14.84 20.22
ZN ZN H . -2.25 -14.19 25.12
CA CA I . -20.18 -11.74 -7.18
ZN ZN J . -14.22 6.64 -7.80
#